data_4I5K
#
_entry.id   4I5K
#
_cell.length_a   132.812
_cell.length_b   109.086
_cell.length_c   67.651
_cell.angle_alpha   90.00
_cell.angle_beta   109.05
_cell.angle_gamma   90.00
#
_symmetry.space_group_name_H-M   'C 1 2 1'
#
loop_
_entity.id
_entity.type
_entity.pdbx_description
1 polymer "Serine/threonine-protein phosphatase 2A regulatory subunit B'' subunit alpha"
2 non-polymer 'CALCIUM ION'
#
_entity_poly.entity_id   1
_entity_poly.type   'polypeptide(L)'
_entity_poly.pdbx_seq_one_letter_code
;MWRKLLNNHHDDASKFICLLAKPNCSSLEQEDFIPLLQDVVDTHPGLTFLKDAPEFHSRYITTVIQRIFYTVNRSWSGKI
TSTEIRKSNFLQTLALLEEEEDINQITDYFSYEHFYVIYCKFWELDTDHDLYISQADLSRYNDQASSSRIIERIFSGAVT
RGKTIQKEGRMSYADFVWFLISEEDKRNPTSIEYWFRCMDVDGDGVLSMYELEYFYEEQCERMEAMGIEPLPFHDLLCQM
LDLVKPAVDGKITLRDLKRCRMAHIFYDTFFNLEKYLDHEQRDPF
;
_entity_poly.pdbx_strand_id   A,B
#
# COMPACT_ATOMS: atom_id res chain seq x y z
N ASN A 8 -15.74 21.41 7.14
CA ASN A 8 -14.90 20.36 7.69
C ASN A 8 -15.46 19.87 9.03
N HIS A 9 -16.73 20.11 9.24
CA HIS A 9 -17.40 19.76 10.48
C HIS A 9 -18.59 18.87 10.16
N HIS A 10 -18.90 18.79 8.86
CA HIS A 10 -20.05 18.04 8.40
C HIS A 10 -19.69 17.12 7.25
N ASP A 11 -18.41 16.80 7.12
CA ASP A 11 -17.96 15.89 6.07
C ASP A 11 -18.14 14.44 6.53
N ASP A 12 -17.76 13.49 5.67
CA ASP A 12 -18.02 12.08 5.93
C ASP A 12 -17.46 11.54 7.25
N ALA A 13 -16.25 11.93 7.60
CA ALA A 13 -15.62 11.49 8.84
C ALA A 13 -16.40 11.97 10.06
N SER A 14 -16.84 13.23 10.00
CA SER A 14 -17.64 13.81 11.08
C SER A 14 -18.96 13.07 11.24
N LYS A 15 -19.64 12.81 10.13
CA LYS A 15 -20.90 12.08 10.16
C LYS A 15 -20.71 10.68 10.72
N PHE A 16 -19.61 10.05 10.36
CA PHE A 16 -19.32 8.69 10.78
C PHE A 16 -19.15 8.62 12.30
N ILE A 17 -18.50 9.62 12.88
CA ILE A 17 -18.35 9.67 14.33
C ILE A 17 -19.70 9.86 15.01
N CYS A 18 -20.49 10.81 14.51
CA CYS A 18 -21.85 11.05 15.02
C CYS A 18 -22.68 9.78 14.94
N LEU A 19 -22.46 9.03 13.86
CA LEU A 19 -23.24 7.83 13.58
C LEU A 19 -22.98 6.70 14.59
N LEU A 20 -21.73 6.56 15.03
CA LEU A 20 -21.36 5.40 15.85
C LEU A 20 -21.05 5.72 17.31
N ALA A 21 -21.00 7.01 17.64
CA ALA A 21 -20.61 7.42 18.99
C ALA A 21 -21.76 7.40 19.98
N LYS A 22 -21.41 7.27 21.25
CA LYS A 22 -22.36 7.38 22.34
C LYS A 22 -22.84 8.83 22.40
N PRO A 23 -24.01 9.09 23.00
CA PRO A 23 -24.56 10.45 23.04
C PRO A 23 -23.61 11.45 23.70
N ASN A 24 -23.53 12.65 23.13
CA ASN A 24 -22.65 13.72 23.63
C ASN A 24 -21.17 13.36 23.55
N CYS A 25 -20.83 12.42 22.68
CA CYS A 25 -19.44 12.03 22.47
C CYS A 25 -19.00 12.36 21.05
N SER A 26 -17.75 12.77 20.90
CA SER A 26 -17.19 13.09 19.60
C SER A 26 -16.02 12.16 19.27
N SER A 27 -15.96 11.02 19.96
CA SER A 27 -14.94 10.03 19.68
C SER A 27 -15.49 8.60 19.78
N LEU A 28 -14.76 7.66 19.19
CA LEU A 28 -15.18 6.26 19.17
C LEU A 28 -14.22 5.38 19.95
N GLU A 29 -14.78 4.47 20.74
CA GLU A 29 -13.98 3.46 21.40
C GLU A 29 -14.15 2.17 20.61
N GLN A 30 -13.38 1.14 20.96
CA GLN A 30 -13.49 -0.13 20.25
C GLN A 30 -14.91 -0.69 20.28
N GLU A 31 -15.60 -0.49 21.41
CA GLU A 31 -16.93 -1.04 21.59
C GLU A 31 -17.93 -0.41 20.63
N ASP A 32 -17.64 0.80 20.17
CA ASP A 32 -18.55 1.52 19.28
C ASP A 32 -18.56 0.95 17.86
N PHE A 33 -17.54 0.15 17.56
CA PHE A 33 -17.41 -0.45 16.24
C PHE A 33 -18.08 -1.82 16.13
N ILE A 34 -18.55 -2.34 17.26
CA ILE A 34 -19.15 -3.67 17.29
C ILE A 34 -20.42 -3.82 16.46
N PRO A 35 -21.42 -2.93 16.64
CA PRO A 35 -22.61 -3.08 15.81
C PRO A 35 -22.31 -2.99 14.31
N LEU A 36 -21.38 -2.12 13.93
CA LEU A 36 -20.96 -2.04 12.53
C LEU A 36 -20.35 -3.35 12.04
N LEU A 37 -19.43 -3.92 12.81
CA LEU A 37 -18.75 -5.15 12.40
C LEU A 37 -19.67 -6.37 12.41
N GLN A 38 -20.63 -6.39 13.32
CA GLN A 38 -21.62 -7.46 13.35
C GLN A 38 -22.44 -7.41 12.07
N ASP A 39 -22.81 -6.20 11.68
CA ASP A 39 -23.64 -6.03 10.50
C ASP A 39 -22.89 -6.43 9.22
N VAL A 40 -21.57 -6.35 9.25
CA VAL A 40 -20.75 -6.79 8.12
C VAL A 40 -20.68 -8.32 8.03
N VAL A 41 -20.55 -8.99 9.17
CA VAL A 41 -20.46 -10.45 9.20
C VAL A 41 -21.77 -11.07 8.71
N ASP A 42 -22.89 -10.43 9.06
CA ASP A 42 -24.20 -10.90 8.66
C ASP A 42 -24.44 -10.74 7.16
N THR A 43 -24.11 -9.57 6.62
CA THR A 43 -24.54 -9.24 5.28
C THR A 43 -23.54 -9.52 4.17
N HIS A 44 -22.25 -9.55 4.49
CA HIS A 44 -21.25 -9.78 3.45
C HIS A 44 -21.11 -11.24 3.05
N PRO A 45 -21.23 -11.52 1.74
CA PRO A 45 -21.23 -12.86 1.14
C PRO A 45 -19.96 -13.67 1.43
N GLY A 46 -18.84 -13.01 1.69
CA GLY A 46 -17.59 -13.70 1.92
C GLY A 46 -17.37 -14.08 3.39
N LEU A 47 -18.29 -13.64 4.25
CA LEU A 47 -18.19 -13.87 5.68
C LEU A 47 -19.43 -14.58 6.19
N THR A 48 -20.31 -14.92 5.26
CA THR A 48 -21.61 -15.50 5.63
C THR A 48 -21.43 -16.81 6.39
N PHE A 49 -20.35 -17.53 6.10
CA PHE A 49 -20.08 -18.82 6.75
C PHE A 49 -19.79 -18.67 8.23
N LEU A 50 -19.67 -17.44 8.71
CA LEU A 50 -19.37 -17.17 10.12
C LEU A 50 -20.66 -17.12 10.92
N LYS A 51 -21.80 -17.09 10.23
CA LYS A 51 -23.09 -17.13 10.90
C LYS A 51 -23.22 -18.48 11.61
N ASP A 52 -22.62 -19.50 11.02
CA ASP A 52 -22.76 -20.87 11.51
C ASP A 52 -21.76 -21.16 12.61
N ALA A 53 -20.79 -20.27 12.77
CA ALA A 53 -19.90 -20.32 13.91
C ALA A 53 -19.95 -18.98 14.64
N PRO A 54 -21.06 -18.68 15.33
CA PRO A 54 -21.23 -17.38 15.98
C PRO A 54 -20.30 -17.23 17.18
N GLU A 55 -19.28 -18.07 17.21
CA GLU A 55 -18.31 -18.14 18.28
C GLU A 55 -16.94 -17.78 17.74
N PHE A 56 -16.89 -17.62 16.42
CA PHE A 56 -15.71 -17.10 15.71
C PHE A 56 -15.95 -15.64 15.40
N HIS A 57 -17.21 -15.23 15.52
CA HIS A 57 -17.60 -13.82 15.41
C HIS A 57 -16.65 -12.90 16.12
N SER A 58 -16.55 -13.03 17.45
CA SER A 58 -15.76 -12.09 18.24
C SER A 58 -14.30 -12.08 17.83
N ARG A 59 -13.69 -13.25 17.71
CA ARG A 59 -12.29 -13.29 17.35
C ARG A 59 -12.07 -12.55 16.05
N TYR A 60 -12.97 -12.75 15.09
CA TYR A 60 -12.91 -12.00 13.84
C TYR A 60 -13.19 -10.52 14.05
N ILE A 61 -14.28 -10.23 14.75
CA ILE A 61 -14.65 -8.85 15.05
C ILE A 61 -13.60 -8.12 15.89
N THR A 62 -13.08 -8.80 16.92
CA THR A 62 -12.02 -8.24 17.74
C THR A 62 -10.76 -7.96 16.92
N THR A 63 -10.38 -8.92 16.07
CA THR A 63 -9.20 -8.79 15.22
C THR A 63 -9.31 -7.61 14.24
N VAL A 64 -10.47 -7.46 13.60
CA VAL A 64 -10.68 -6.34 12.68
C VAL A 64 -10.63 -5.01 13.42
N ILE A 65 -11.27 -4.95 14.58
CA ILE A 65 -11.27 -3.75 15.40
C ILE A 65 -9.86 -3.34 15.85
N GLN A 66 -9.03 -4.33 16.16
CA GLN A 66 -7.63 -4.05 16.51
C GLN A 66 -6.91 -3.42 15.33
N ARG A 67 -7.11 -4.01 14.15
CA ARG A 67 -6.50 -3.52 12.92
C ARG A 67 -6.92 -2.09 12.56
N ILE A 68 -8.20 -1.79 12.76
CA ILE A 68 -8.73 -0.44 12.57
C ILE A 68 -8.02 0.56 13.49
N PHE A 69 -8.01 0.27 14.78
CA PHE A 69 -7.35 1.17 15.74
C PHE A 69 -5.85 1.25 15.53
N TYR A 70 -5.25 0.15 15.11
CA TYR A 70 -3.80 0.05 14.87
C TYR A 70 -3.34 1.08 13.83
N THR A 71 -4.11 1.23 12.75
CA THR A 71 -3.71 2.14 11.69
C THR A 71 -4.39 3.51 11.79
N VAL A 72 -5.58 3.55 12.40
CA VAL A 72 -6.36 4.78 12.46
C VAL A 72 -6.14 5.61 13.72
N ASN A 73 -6.15 4.96 14.89
CA ASN A 73 -6.00 5.67 16.15
C ASN A 73 -4.55 6.04 16.40
N ARG A 74 -4.11 7.12 15.76
CA ARG A 74 -2.68 7.42 15.71
C ARG A 74 -2.13 8.11 16.95
N SER A 75 -3.03 8.56 17.82
CA SER A 75 -2.65 9.22 19.06
C SER A 75 -2.51 8.22 20.22
N TRP A 76 -2.79 6.96 19.95
CA TRP A 76 -2.81 5.91 20.98
C TRP A 76 -3.79 6.20 22.13
N SER A 77 -4.76 7.08 21.88
CA SER A 77 -5.70 7.50 22.92
C SER A 77 -6.76 6.45 23.23
N GLY A 78 -7.02 5.57 22.28
CA GLY A 78 -8.09 4.59 22.43
C GLY A 78 -9.43 5.16 22.00
N LYS A 79 -9.44 6.44 21.66
CA LYS A 79 -10.64 7.11 21.17
C LYS A 79 -10.38 7.67 19.77
N ILE A 80 -11.14 7.20 18.80
CA ILE A 80 -10.94 7.62 17.41
C ILE A 80 -11.74 8.89 17.08
N THR A 81 -11.04 9.91 16.59
CA THR A 81 -11.68 11.16 16.20
C THR A 81 -11.88 11.23 14.69
N SER A 82 -12.66 12.22 14.25
CA SER A 82 -12.93 12.42 12.83
C SER A 82 -11.65 12.77 12.07
N THR A 83 -10.69 13.39 12.77
CA THR A 83 -9.42 13.73 12.14
C THR A 83 -8.64 12.46 11.80
N GLU A 84 -8.61 11.52 12.74
CA GLU A 84 -7.94 10.25 12.52
C GLU A 84 -8.61 9.45 11.38
N ILE A 85 -9.95 9.48 11.35
CA ILE A 85 -10.70 8.86 10.26
C ILE A 85 -10.37 9.50 8.90
N ARG A 86 -10.33 10.83 8.87
CA ARG A 86 -10.03 11.60 7.66
C ARG A 86 -8.69 11.22 7.05
N LYS A 87 -7.67 11.11 7.90
CA LYS A 87 -6.32 10.82 7.44
C LYS A 87 -6.07 9.34 7.25
N SER A 88 -7.13 8.54 7.32
CA SER A 88 -7.03 7.10 7.13
C SER A 88 -7.86 6.73 5.92
N ASN A 89 -7.66 5.52 5.40
CA ASN A 89 -8.47 5.03 4.28
C ASN A 89 -9.63 4.16 4.71
N PHE A 90 -10.06 4.29 5.95
CA PHE A 90 -11.07 3.38 6.49
C PHE A 90 -12.42 3.46 5.78
N LEU A 91 -12.92 4.67 5.53
CA LEU A 91 -14.20 4.84 4.85
C LEU A 91 -14.09 4.39 3.39
N GLN A 92 -12.96 4.69 2.76
CA GLN A 92 -12.65 4.17 1.44
C GLN A 92 -12.74 2.64 1.41
N THR A 93 -12.26 1.99 2.47
CA THR A 93 -12.25 0.53 2.51
C THR A 93 -13.67 -0.01 2.63
N LEU A 94 -14.49 0.67 3.43
CA LEU A 94 -15.89 0.31 3.56
C LEU A 94 -16.58 0.36 2.20
N ALA A 95 -16.19 1.33 1.39
CA ALA A 95 -16.70 1.47 0.04
C ALA A 95 -16.33 0.27 -0.83
N LEU A 96 -15.06 -0.15 -0.75
CA LEU A 96 -14.57 -1.27 -1.54
C LEU A 96 -15.18 -2.56 -1.01
N LEU A 97 -15.59 -2.52 0.25
CA LEU A 97 -16.12 -3.68 0.93
C LEU A 97 -17.50 -4.06 0.41
N GLU A 98 -18.22 -3.07 -0.10
CA GLU A 98 -19.58 -3.25 -0.59
C GLU A 98 -19.63 -3.76 -2.03
N GLU A 99 -18.49 -3.70 -2.72
CA GLU A 99 -18.45 -4.13 -4.11
C GLU A 99 -17.67 -5.42 -4.33
N GLU A 100 -16.98 -5.89 -3.30
CA GLU A 100 -16.13 -7.05 -3.46
C GLU A 100 -16.67 -8.23 -2.67
N GLU A 101 -16.97 -9.31 -3.38
CA GLU A 101 -17.57 -10.48 -2.76
C GLU A 101 -16.54 -11.31 -2.03
N ASP A 102 -15.29 -11.22 -2.47
CA ASP A 102 -14.20 -11.94 -1.79
C ASP A 102 -13.59 -11.10 -0.67
N ILE A 103 -13.91 -11.44 0.57
CA ILE A 103 -13.45 -10.69 1.74
C ILE A 103 -11.92 -10.68 1.86
N ASN A 104 -11.28 -11.70 1.28
CA ASN A 104 -9.84 -11.85 1.39
C ASN A 104 -9.09 -10.92 0.45
N GLN A 105 -9.83 -10.33 -0.49
CA GLN A 105 -9.25 -9.39 -1.43
C GLN A 105 -9.22 -8.01 -0.77
N ILE A 106 -9.90 -7.88 0.37
CA ILE A 106 -9.84 -6.68 1.18
C ILE A 106 -8.71 -6.83 2.19
N THR A 107 -7.49 -6.56 1.74
CA THR A 107 -6.30 -6.76 2.55
C THR A 107 -6.21 -5.79 3.72
N ASP A 108 -6.92 -4.67 3.65
CA ASP A 108 -6.92 -3.73 4.75
C ASP A 108 -8.09 -3.97 5.70
N TYR A 109 -7.76 -4.17 6.97
CA TYR A 109 -8.72 -4.36 8.06
C TYR A 109 -9.52 -5.68 8.02
N PHE A 110 -10.20 -5.95 6.91
CA PHE A 110 -11.28 -6.93 6.93
C PHE A 110 -10.93 -8.36 6.51
N SER A 111 -9.80 -8.52 5.82
CA SER A 111 -9.40 -9.83 5.30
C SER A 111 -9.53 -10.96 6.33
N TYR A 112 -10.22 -12.02 5.94
CA TYR A 112 -10.44 -13.14 6.86
C TYR A 112 -9.21 -14.01 7.01
N GLU A 113 -8.51 -14.26 5.90
CA GLU A 113 -7.28 -15.05 5.96
C GLU A 113 -6.24 -14.38 6.86
N HIS A 114 -6.18 -13.05 6.82
CA HIS A 114 -5.35 -12.29 7.74
C HIS A 114 -5.73 -12.58 9.20
N PHE A 115 -7.02 -12.56 9.51
CA PHE A 115 -7.48 -12.90 10.84
C PHE A 115 -7.07 -14.33 11.21
N TYR A 116 -7.23 -15.24 10.25
CA TYR A 116 -6.97 -16.66 10.44
C TYR A 116 -5.55 -16.91 10.92
N VAL A 117 -4.60 -16.33 10.21
CA VAL A 117 -3.19 -16.46 10.53
C VAL A 117 -2.89 -15.99 11.95
N ILE A 118 -3.46 -14.85 12.31
CA ILE A 118 -3.30 -14.29 13.65
C ILE A 118 -3.88 -15.21 14.71
N TYR A 119 -5.10 -15.67 14.49
CA TYR A 119 -5.76 -16.58 15.41
C TYR A 119 -4.96 -17.88 15.58
N CYS A 120 -4.38 -18.38 14.48
CA CYS A 120 -3.58 -19.60 14.55
C CYS A 120 -2.34 -19.41 15.38
N LYS A 121 -1.71 -18.25 15.27
CA LYS A 121 -0.45 -18.01 15.98
C LYS A 121 -0.71 -17.82 17.46
N PHE A 122 -1.87 -17.23 17.78
CA PHE A 122 -2.29 -17.10 19.15
C PHE A 122 -2.46 -18.48 19.76
N TRP A 123 -3.05 -19.36 18.97
CA TRP A 123 -3.32 -20.73 19.40
C TRP A 123 -2.02 -21.48 19.63
N GLU A 124 -1.10 -21.36 18.68
CA GLU A 124 0.23 -21.95 18.75
C GLU A 124 0.99 -21.58 20.04
N LEU A 125 0.89 -20.32 20.44
CA LEU A 125 1.65 -19.81 21.59
C LEU A 125 1.04 -20.17 22.95
N ASP A 126 -0.28 -20.26 23.01
CA ASP A 126 -0.97 -20.53 24.26
C ASP A 126 -0.67 -21.95 24.73
N THR A 127 0.57 -22.17 25.16
CA THR A 127 1.07 -23.50 25.52
C THR A 127 0.38 -24.08 26.74
N ASP A 128 -0.02 -23.25 27.69
CA ASP A 128 -0.76 -23.73 28.85
C ASP A 128 -2.30 -23.79 28.62
N HIS A 129 -2.73 -23.47 27.42
CA HIS A 129 -4.14 -23.57 26.98
C HIS A 129 -5.18 -22.80 27.79
N ASP A 130 -4.79 -21.72 28.47
CA ASP A 130 -5.73 -20.95 29.29
C ASP A 130 -6.37 -19.80 28.53
N LEU A 131 -6.07 -19.70 27.24
CA LEU A 131 -6.60 -18.65 26.37
C LEU A 131 -6.05 -17.24 26.66
N TYR A 132 -4.92 -17.19 27.36
CA TYR A 132 -4.19 -15.95 27.57
C TYR A 132 -2.73 -16.20 27.29
N ILE A 133 -2.02 -15.16 26.83
CA ILE A 133 -0.59 -15.30 26.59
C ILE A 133 0.15 -14.73 27.78
N SER A 134 0.92 -15.59 28.43
CA SER A 134 1.75 -15.18 29.54
C SER A 134 3.17 -14.93 29.05
N GLN A 135 4.02 -14.47 29.97
CA GLN A 135 5.43 -14.26 29.67
C GLN A 135 6.12 -15.61 29.44
N ALA A 136 5.63 -16.62 30.14
CA ALA A 136 6.17 -17.98 30.07
C ALA A 136 5.83 -18.65 28.75
N ASP A 137 4.64 -18.34 28.23
CA ASP A 137 4.20 -18.89 26.95
C ASP A 137 5.15 -18.54 25.82
N LEU A 138 5.69 -17.33 25.87
CA LEU A 138 6.59 -16.86 24.83
C LEU A 138 7.96 -17.56 24.94
N SER A 139 8.39 -17.81 26.18
CA SER A 139 9.64 -18.52 26.42
C SER A 139 9.56 -20.00 26.06
N ARG A 140 8.37 -20.59 26.20
CA ARG A 140 8.21 -22.01 25.90
C ARG A 140 7.98 -22.28 24.42
N TYR A 141 7.60 -21.25 23.66
CA TYR A 141 7.45 -21.39 22.23
C TYR A 141 8.80 -21.21 21.53
N ASN A 142 9.35 -20.00 21.66
CA ASN A 142 10.62 -19.66 21.01
C ASN A 142 11.64 -19.05 21.97
N ASP A 143 12.63 -19.83 22.36
CA ASP A 143 13.68 -19.39 23.27
C ASP A 143 14.52 -18.27 22.66
N GLN A 144 14.70 -18.33 21.34
CA GLN A 144 15.57 -17.40 20.61
C GLN A 144 15.02 -16.04 20.17
N ALA A 145 13.78 -15.99 19.69
CA ALA A 145 13.23 -14.75 19.10
C ALA A 145 13.34 -13.47 19.94
N SER A 146 12.30 -13.14 20.70
CA SER A 146 12.30 -11.90 21.47
C SER A 146 12.95 -12.02 22.84
N SER A 147 13.66 -10.97 23.24
CA SER A 147 14.35 -10.94 24.52
C SER A 147 13.32 -10.85 25.63
N SER A 148 13.62 -11.45 26.79
CA SER A 148 12.71 -11.34 27.91
C SER A 148 12.65 -9.91 28.46
N ARG A 149 13.66 -9.11 28.14
CA ARG A 149 13.66 -7.70 28.57
C ARG A 149 12.68 -6.88 27.75
N ILE A 150 12.55 -7.18 26.46
CA ILE A 150 11.56 -6.50 25.66
C ILE A 150 10.16 -7.05 25.96
N ILE A 151 10.08 -8.35 26.26
CA ILE A 151 8.81 -8.96 26.62
C ILE A 151 8.29 -8.32 27.90
N GLU A 152 9.20 -8.13 28.86
CA GLU A 152 8.86 -7.52 30.14
C GLU A 152 8.29 -6.12 29.93
N ARG A 153 8.85 -5.40 28.96
CA ARG A 153 8.39 -4.04 28.67
C ARG A 153 6.94 -4.05 28.19
N ILE A 154 6.60 -5.01 27.35
CA ILE A 154 5.24 -5.14 26.86
C ILE A 154 4.29 -5.46 28.02
N PHE A 155 4.68 -6.43 28.83
CA PHE A 155 3.87 -6.83 29.99
C PHE A 155 3.95 -5.82 31.14
N SER A 156 4.72 -4.76 30.96
CA SER A 156 4.81 -3.72 31.97
C SER A 156 3.77 -2.62 31.76
N GLY A 157 3.14 -2.61 30.60
CA GLY A 157 2.15 -1.60 30.27
C GLY A 157 2.70 -0.48 29.40
N ALA A 158 3.81 -0.75 28.72
CA ALA A 158 4.44 0.22 27.84
C ALA A 158 3.64 0.48 26.56
N VAL A 159 2.80 -0.48 26.18
CA VAL A 159 2.05 -0.39 24.93
C VAL A 159 0.54 -0.61 25.11
N THR A 160 -0.06 0.08 26.07
CA THR A 160 -1.50 0.00 26.26
C THR A 160 -2.14 1.36 26.02
N LYS A 167 0.70 -5.61 38.18
CA LYS A 167 0.40 -6.03 36.81
C LYS A 167 -0.12 -7.48 36.76
N GLU A 168 -1.12 -7.70 35.92
CA GLU A 168 -1.78 -9.00 35.80
C GLU A 168 -0.87 -10.11 35.25
N GLY A 169 0.08 -9.73 34.39
CA GLY A 169 1.01 -10.69 33.81
C GLY A 169 0.43 -11.50 32.66
N ARG A 170 -0.78 -11.14 32.24
CA ARG A 170 -1.47 -11.85 31.16
C ARG A 170 -1.84 -10.95 30.00
N MET A 171 -1.47 -11.36 28.80
CA MET A 171 -1.81 -10.60 27.60
C MET A 171 -3.04 -11.21 26.94
N SER A 172 -4.10 -10.41 26.80
CA SER A 172 -5.35 -10.88 26.18
C SER A 172 -5.14 -11.18 24.70
N TYR A 173 -6.18 -11.69 24.04
CA TYR A 173 -6.08 -11.99 22.62
C TYR A 173 -5.95 -10.71 21.81
N ALA A 174 -6.70 -9.67 22.20
CA ALA A 174 -6.66 -8.39 21.49
C ALA A 174 -5.29 -7.75 21.54
N ASP A 175 -4.71 -7.69 22.73
CA ASP A 175 -3.39 -7.10 22.90
C ASP A 175 -2.34 -7.91 22.16
N PHE A 176 -2.60 -9.20 21.97
CA PHE A 176 -1.70 -10.05 21.22
C PHE A 176 -1.68 -9.68 19.73
N VAL A 177 -2.82 -9.24 19.22
CA VAL A 177 -2.93 -8.82 17.83
C VAL A 177 -1.94 -7.71 17.54
N TRP A 178 -1.89 -6.73 18.43
CA TRP A 178 -0.95 -5.62 18.33
C TRP A 178 0.49 -6.11 18.34
N PHE A 179 0.76 -7.10 19.18
CA PHE A 179 2.09 -7.68 19.29
C PHE A 179 2.50 -8.41 18.03
N LEU A 180 1.62 -9.26 17.53
CA LEU A 180 1.92 -10.10 16.39
C LEU A 180 2.16 -9.28 15.13
N ILE A 181 1.27 -8.33 14.86
CA ILE A 181 1.39 -7.47 13.69
C ILE A 181 2.70 -6.70 13.74
N SER A 182 3.01 -6.15 14.92
CA SER A 182 4.20 -5.35 15.11
C SER A 182 5.49 -6.17 14.99
N GLU A 183 5.49 -7.40 15.49
CA GLU A 183 6.67 -8.25 15.44
C GLU A 183 6.96 -8.64 13.99
N GLU A 184 5.90 -8.90 13.24
CA GLU A 184 6.04 -9.38 11.86
C GLU A 184 6.43 -8.25 10.92
N ASP A 185 5.82 -7.09 11.12
CA ASP A 185 6.14 -5.92 10.31
C ASP A 185 6.58 -4.76 11.18
N LYS A 186 7.88 -4.48 11.20
CA LYS A 186 8.43 -3.35 11.94
C LYS A 186 8.69 -2.16 11.02
N ARG A 187 7.95 -2.09 9.91
CA ARG A 187 8.13 -1.02 8.94
C ARG A 187 7.04 0.05 9.02
N ASN A 188 5.82 -0.34 9.38
CA ASN A 188 4.73 0.61 9.44
C ASN A 188 4.87 1.49 10.68
N PRO A 189 4.40 2.74 10.61
CA PRO A 189 4.65 3.69 11.70
C PRO A 189 4.14 3.23 13.06
N THR A 190 3.01 2.53 13.09
CA THR A 190 2.44 2.09 14.36
C THR A 190 3.35 1.09 15.05
N SER A 191 3.92 0.18 14.27
CA SER A 191 4.84 -0.81 14.80
C SER A 191 6.08 -0.14 15.36
N ILE A 192 6.58 0.87 14.64
CA ILE A 192 7.78 1.58 15.04
C ILE A 192 7.65 2.23 16.42
N GLU A 193 6.46 2.73 16.75
CA GLU A 193 6.27 3.35 18.07
C GLU A 193 5.83 2.34 19.13
N TYR A 194 5.26 1.21 18.70
CA TYR A 194 5.05 0.09 19.60
C TYR A 194 6.38 -0.28 20.24
N TRP A 195 7.41 -0.47 19.41
CA TRP A 195 8.71 -0.88 19.91
C TRP A 195 9.47 0.30 20.55
N PHE A 196 9.20 1.50 20.07
CA PHE A 196 9.82 2.67 20.67
C PHE A 196 9.34 2.85 22.12
N ARG A 197 8.03 2.70 22.34
CA ARG A 197 7.49 2.77 23.68
C ARG A 197 8.14 1.73 24.59
N CYS A 198 8.49 0.58 24.02
CA CYS A 198 9.13 -0.48 24.79
C CYS A 198 10.58 -0.13 25.13
N MET A 199 11.32 0.40 24.17
CA MET A 199 12.73 0.72 24.39
C MET A 199 12.92 2.00 25.20
N ASP A 200 12.00 2.95 25.04
CA ASP A 200 12.07 4.20 25.78
C ASP A 200 11.53 4.02 27.21
N VAL A 201 12.36 3.46 28.06
CA VAL A 201 11.97 3.10 29.43
C VAL A 201 11.60 4.32 30.28
N ASP A 202 12.44 5.35 30.26
CA ASP A 202 12.19 6.56 31.04
C ASP A 202 11.04 7.42 30.50
N GLY A 203 10.70 7.20 29.23
CA GLY A 203 9.60 7.92 28.61
C GLY A 203 9.98 9.30 28.12
N ASP A 204 11.28 9.56 28.02
CA ASP A 204 11.78 10.89 27.68
C ASP A 204 11.59 11.24 26.21
N GLY A 205 11.20 10.26 25.41
CA GLY A 205 11.02 10.46 23.98
C GLY A 205 12.31 10.22 23.19
N VAL A 206 13.37 9.84 23.89
CA VAL A 206 14.64 9.52 23.24
C VAL A 206 15.19 8.21 23.78
N LEU A 207 15.92 7.49 22.93
CA LEU A 207 16.56 6.24 23.32
C LEU A 207 18.00 6.51 23.77
N SER A 208 18.19 6.59 25.08
CA SER A 208 19.49 6.89 25.66
C SER A 208 20.46 5.72 25.51
N MET A 209 21.75 5.99 25.70
CA MET A 209 22.78 4.96 25.63
C MET A 209 22.51 3.87 26.66
N TYR A 210 22.12 4.29 27.86
CA TYR A 210 21.84 3.35 28.94
C TYR A 210 20.74 2.38 28.55
N GLU A 211 19.66 2.91 27.99
CA GLU A 211 18.54 2.10 27.54
C GLU A 211 19.00 1.10 26.47
N LEU A 212 19.71 1.60 25.46
CA LEU A 212 20.27 0.76 24.42
C LEU A 212 21.18 -0.32 25.01
N GLU A 213 21.99 0.07 25.99
CA GLU A 213 22.89 -0.86 26.64
C GLU A 213 22.13 -1.95 27.39
N TYR A 214 21.01 -1.55 28.00
CA TYR A 214 20.20 -2.43 28.83
C TYR A 214 19.59 -3.57 28.02
N PHE A 215 19.16 -3.25 26.81
CA PHE A 215 18.59 -4.28 25.94
C PHE A 215 19.66 -5.12 25.26
N TYR A 216 20.76 -4.49 24.87
CA TYR A 216 21.84 -5.20 24.19
C TYR A 216 22.56 -6.17 25.12
N GLU A 217 22.49 -5.89 26.43
CA GLU A 217 23.12 -6.75 27.43
C GLU A 217 22.59 -8.17 27.36
N GLU A 218 21.27 -8.33 27.22
CA GLU A 218 20.66 -9.65 27.11
C GLU A 218 21.02 -10.33 25.79
N GLN A 219 21.17 -9.54 24.73
CA GLN A 219 21.55 -10.10 23.42
C GLN A 219 22.94 -10.72 23.48
N CYS A 220 23.81 -10.14 24.32
CA CYS A 220 25.16 -10.67 24.49
C CYS A 220 25.16 -11.95 25.32
N GLU A 221 24.34 -11.99 26.36
CA GLU A 221 24.21 -13.17 27.20
C GLU A 221 23.67 -14.36 26.41
N ARG A 222 22.81 -14.08 25.43
CA ARG A 222 22.15 -15.11 24.64
C ARG A 222 23.04 -15.62 23.51
N MET A 223 23.90 -14.75 22.99
CA MET A 223 24.85 -15.14 21.95
C MET A 223 25.96 -15.98 22.54
N GLU A 224 26.45 -15.56 23.71
CA GLU A 224 27.51 -16.26 24.41
C GLU A 224 27.03 -17.65 24.86
N ALA A 225 25.71 -17.78 25.03
CA ALA A 225 25.12 -19.06 25.38
C ALA A 225 25.01 -19.98 24.15
N MET A 226 25.19 -19.40 22.97
CA MET A 226 25.16 -20.16 21.72
C MET A 226 26.56 -20.39 21.20
N GLY A 227 27.55 -20.00 21.99
CA GLY A 227 28.95 -20.11 21.59
C GLY A 227 29.35 -19.05 20.58
N ILE A 228 28.54 -18.00 20.47
CA ILE A 228 28.81 -16.92 19.52
C ILE A 228 29.37 -15.72 20.24
N GLU A 229 30.49 -15.19 19.74
CA GLU A 229 31.13 -14.03 20.33
C GLU A 229 30.45 -12.76 19.83
N PRO A 230 29.79 -12.02 20.74
CA PRO A 230 29.05 -10.81 20.36
C PRO A 230 29.94 -9.59 20.10
N LEU A 231 29.44 -8.69 19.27
CA LEU A 231 30.10 -7.42 18.99
C LEU A 231 29.99 -6.51 20.21
N PRO A 232 31.11 -5.86 20.61
CA PRO A 232 31.09 -4.93 21.73
C PRO A 232 30.16 -3.75 21.49
N PHE A 233 29.55 -3.21 22.55
CA PHE A 233 28.55 -2.16 22.37
C PHE A 233 29.04 -0.96 21.57
N HIS A 234 30.29 -0.57 21.82
CA HIS A 234 30.87 0.59 21.15
C HIS A 234 30.74 0.46 19.64
N ASP A 235 31.12 -0.71 19.13
CA ASP A 235 31.09 -0.96 17.68
C ASP A 235 29.65 -1.09 17.20
N LEU A 236 28.78 -1.62 18.05
CA LEU A 236 27.38 -1.75 17.71
C LEU A 236 26.71 -0.39 17.57
N LEU A 237 26.94 0.48 18.55
CA LEU A 237 26.37 1.83 18.53
C LEU A 237 26.83 2.66 17.34
N CYS A 238 28.06 2.42 16.89
CA CYS A 238 28.58 3.13 15.73
C CYS A 238 27.86 2.69 14.46
N GLN A 239 27.60 1.39 14.35
CA GLN A 239 26.86 0.88 13.21
C GLN A 239 25.42 1.36 13.25
N MET A 240 24.84 1.40 14.45
CA MET A 240 23.44 1.76 14.62
C MET A 240 23.18 3.25 14.44
N LEU A 241 24.07 4.08 14.99
CA LEU A 241 23.92 5.53 14.88
C LEU A 241 24.06 6.00 13.45
N ASP A 242 24.92 5.32 12.70
CA ASP A 242 25.13 5.63 11.29
C ASP A 242 23.94 5.18 10.45
N LEU A 243 23.22 4.19 10.95
CA LEU A 243 22.06 3.66 10.24
C LEU A 243 20.84 4.55 10.39
N VAL A 244 20.68 5.12 11.58
CA VAL A 244 19.50 5.92 11.92
C VAL A 244 19.58 7.33 11.36
N LYS A 245 20.80 7.89 11.38
CA LYS A 245 21.04 9.28 11.02
C LYS A 245 20.15 10.23 11.84
N PRO A 246 20.38 10.29 13.16
CA PRO A 246 19.59 11.15 14.06
C PRO A 246 19.92 12.63 13.92
N ALA A 247 19.27 13.47 14.72
CA ALA A 247 19.60 14.89 14.77
C ALA A 247 20.76 15.11 15.74
N VAL A 248 20.46 15.01 17.02
CA VAL A 248 21.47 15.05 18.07
C VAL A 248 22.22 13.71 18.17
N ASP A 249 23.52 13.77 18.40
CA ASP A 249 24.38 12.58 18.44
C ASP A 249 23.84 11.50 19.39
N GLY A 250 23.71 11.84 20.67
CA GLY A 250 23.31 10.86 21.67
C GLY A 250 21.82 10.78 21.91
N LYS A 251 21.03 11.47 21.09
CA LYS A 251 19.59 11.52 21.29
C LYS A 251 18.85 10.97 20.07
N ILE A 252 18.47 9.70 20.16
CA ILE A 252 17.71 9.01 19.10
C ILE A 252 16.22 9.04 19.37
N THR A 253 15.46 9.63 18.45
CA THR A 253 14.02 9.82 18.64
C THR A 253 13.17 8.97 17.72
N LEU A 254 11.87 8.92 18.01
CA LEU A 254 10.92 8.19 17.19
C LEU A 254 10.88 8.75 15.78
N ARG A 255 10.97 10.08 15.67
CA ARG A 255 10.91 10.74 14.37
C ARG A 255 12.13 10.37 13.54
N ASP A 256 13.26 10.12 14.20
CA ASP A 256 14.48 9.72 13.51
C ASP A 256 14.36 8.29 12.99
N LEU A 257 13.59 7.48 13.70
CA LEU A 257 13.44 6.07 13.35
C LEU A 257 12.46 5.88 12.20
N LYS A 258 11.41 6.69 12.16
CA LYS A 258 10.45 6.63 11.07
C LYS A 258 11.09 7.11 9.78
N ARG A 259 11.92 8.15 9.91
CA ARG A 259 12.59 8.75 8.77
C ARG A 259 13.55 7.76 8.10
N CYS A 260 14.50 7.23 8.87
CA CYS A 260 15.58 6.41 8.33
C CYS A 260 15.13 5.17 7.56
N ARG A 261 13.86 4.80 7.73
CA ARG A 261 13.27 3.67 7.02
C ARG A 261 14.00 2.36 7.28
N MET A 262 14.72 2.27 8.39
CA MET A 262 15.52 1.10 8.69
C MET A 262 15.32 0.66 10.13
N ALA A 263 14.20 1.11 10.71
CA ALA A 263 13.89 0.84 12.11
C ALA A 263 13.77 -0.66 12.43
N HIS A 264 13.35 -1.44 11.44
CA HIS A 264 13.21 -2.89 11.64
C HIS A 264 14.54 -3.57 11.92
N ILE A 265 15.59 -3.13 11.23
CA ILE A 265 16.91 -3.68 11.44
C ILE A 265 17.42 -3.26 12.82
N PHE A 266 17.23 -1.97 13.13
CA PHE A 266 17.56 -1.41 14.43
C PHE A 266 16.92 -2.21 15.57
N TYR A 267 15.61 -2.40 15.48
CA TYR A 267 14.85 -3.07 16.53
C TYR A 267 15.27 -4.52 16.72
N ASP A 268 15.50 -5.22 15.62
CA ASP A 268 15.86 -6.63 15.69
C ASP A 268 17.24 -6.80 16.30
N THR A 269 18.10 -5.81 16.06
CA THR A 269 19.45 -5.83 16.61
C THR A 269 19.44 -5.81 18.14
N PHE A 270 18.49 -5.08 18.72
CA PHE A 270 18.46 -4.88 20.17
C PHE A 270 17.61 -5.91 20.95
N PHE A 271 16.60 -6.48 20.32
CA PHE A 271 15.76 -7.43 21.06
C PHE A 271 15.24 -8.68 20.34
N ASN A 272 15.69 -8.92 19.11
CA ASN A 272 15.32 -10.15 18.43
C ASN A 272 16.51 -10.94 17.89
N LEU A 273 16.95 -11.92 18.68
CA LEU A 273 18.19 -12.66 18.40
C LEU A 273 18.19 -13.41 17.07
N GLU A 274 17.06 -13.99 16.69
CA GLU A 274 16.98 -14.74 15.43
C GLU A 274 17.14 -13.80 14.24
N LYS A 275 16.30 -12.77 14.19
CA LYS A 275 16.27 -11.88 13.05
C LYS A 275 17.54 -11.03 12.98
N TYR A 276 18.29 -11.00 14.08
CA TYR A 276 19.55 -10.27 14.11
C TYR A 276 20.64 -11.14 13.51
N LEU A 277 20.69 -12.41 13.93
CA LEU A 277 21.66 -13.35 13.40
C LEU A 277 21.43 -13.57 11.91
N ASP A 278 20.19 -13.40 11.47
CA ASP A 278 19.85 -13.53 10.07
C ASP A 278 20.16 -12.23 9.33
N HIS A 279 21.32 -11.66 9.65
CA HIS A 279 21.76 -10.40 9.06
C HIS A 279 23.29 -10.30 9.14
N ASN B 8 -23.96 6.60 0.16
CA ASN B 8 -25.09 7.49 0.43
C ASN B 8 -25.34 8.46 -0.72
N HIS B 9 -26.17 9.47 -0.48
CA HIS B 9 -26.51 10.40 -1.56
C HIS B 9 -26.23 11.87 -1.22
N HIS B 10 -25.83 12.14 0.03
CA HIS B 10 -25.53 13.49 0.45
C HIS B 10 -24.13 13.56 1.07
N ASP B 11 -23.30 12.58 0.73
CA ASP B 11 -21.94 12.54 1.23
C ASP B 11 -21.00 13.43 0.41
N ASP B 12 -19.74 13.46 0.81
CA ASP B 12 -18.75 14.33 0.17
C ASP B 12 -18.58 14.07 -1.32
N ALA B 13 -18.61 12.79 -1.71
CA ALA B 13 -18.48 12.43 -3.12
C ALA B 13 -19.66 12.95 -3.92
N SER B 14 -20.86 12.85 -3.36
CA SER B 14 -22.06 13.37 -4.00
C SER B 14 -21.96 14.88 -4.19
N LYS B 15 -21.53 15.58 -3.13
CA LYS B 15 -21.35 17.02 -3.18
C LYS B 15 -20.33 17.42 -4.24
N PHE B 16 -19.26 16.64 -4.33
CA PHE B 16 -18.17 16.92 -5.26
C PHE B 16 -18.63 16.82 -6.72
N ILE B 17 -19.47 15.83 -7.01
CA ILE B 17 -20.01 15.65 -8.35
C ILE B 17 -20.93 16.81 -8.76
N CYS B 18 -21.84 17.17 -7.85
CA CYS B 18 -22.74 18.31 -8.08
C CYS B 18 -21.99 19.60 -8.38
N LEU B 19 -20.84 19.78 -7.75
CA LEU B 19 -20.04 20.99 -7.90
C LEU B 19 -19.47 21.14 -9.31
N LEU B 20 -19.04 20.04 -9.90
CA LEU B 20 -18.29 20.10 -11.15
C LEU B 20 -19.03 19.58 -12.38
N ALA B 21 -20.23 19.06 -12.20
CA ALA B 21 -20.93 18.42 -13.31
C ALA B 21 -21.69 19.38 -14.23
N LYS B 22 -21.80 18.99 -15.49
CA LYS B 22 -22.62 19.70 -16.47
C LYS B 22 -24.09 19.46 -16.13
N PRO B 23 -24.98 20.36 -16.60
CA PRO B 23 -26.41 20.18 -16.32
C PRO B 23 -26.94 18.85 -16.83
N ASN B 24 -27.84 18.24 -16.05
CA ASN B 24 -28.42 16.93 -16.36
C ASN B 24 -27.41 15.78 -16.39
N CYS B 25 -26.25 16.00 -15.76
CA CYS B 25 -25.22 14.96 -15.67
C CYS B 25 -24.95 14.60 -14.21
N SER B 26 -24.70 13.32 -13.96
CA SER B 26 -24.37 12.86 -12.61
C SER B 26 -22.98 12.21 -12.55
N SER B 27 -22.15 12.52 -13.54
CA SER B 27 -20.77 12.05 -13.56
C SER B 27 -19.85 13.15 -14.10
N LEU B 28 -18.55 13.00 -13.87
CA LEU B 28 -17.59 14.00 -14.28
C LEU B 28 -16.67 13.47 -15.38
N GLU B 29 -16.42 14.31 -16.38
CA GLU B 29 -15.45 14.01 -17.42
C GLU B 29 -14.15 14.72 -17.08
N GLN B 30 -13.11 14.47 -17.87
CA GLN B 30 -11.80 15.08 -17.65
C GLN B 30 -11.89 16.60 -17.75
N GLU B 31 -12.70 17.07 -18.69
CA GLU B 31 -12.87 18.49 -18.95
C GLU B 31 -13.56 19.20 -17.78
N ASP B 32 -14.33 18.43 -17.01
CA ASP B 32 -15.08 18.99 -15.88
C ASP B 32 -14.13 19.26 -14.73
N PHE B 33 -12.94 18.68 -14.82
CA PHE B 33 -11.93 18.84 -13.78
C PHE B 33 -11.03 20.05 -14.04
N ILE B 34 -11.21 20.66 -15.21
CA ILE B 34 -10.38 21.81 -15.59
C ILE B 34 -10.54 23.03 -14.67
N PRO B 35 -11.78 23.51 -14.42
CA PRO B 35 -11.93 24.65 -13.51
C PRO B 35 -11.40 24.35 -12.11
N LEU B 36 -11.61 23.14 -11.62
CA LEU B 36 -11.14 22.74 -10.30
C LEU B 36 -9.61 22.87 -10.19
N LEU B 37 -8.91 22.37 -11.21
CA LEU B 37 -7.45 22.39 -11.21
C LEU B 37 -6.88 23.79 -11.37
N GLN B 38 -7.61 24.66 -12.07
CA GLN B 38 -7.19 26.06 -12.20
C GLN B 38 -7.16 26.78 -10.86
N ASP B 39 -8.18 26.55 -10.04
CA ASP B 39 -8.25 27.17 -8.71
C ASP B 39 -7.15 26.64 -7.81
N VAL B 40 -6.67 25.44 -8.11
CA VAL B 40 -5.58 24.83 -7.35
C VAL B 40 -4.25 25.52 -7.66
N VAL B 41 -4.03 25.82 -8.95
CA VAL B 41 -2.82 26.48 -9.39
C VAL B 41 -2.75 27.92 -8.87
N ASP B 42 -3.90 28.59 -8.84
CA ASP B 42 -3.95 29.97 -8.40
C ASP B 42 -3.69 30.12 -6.89
N THR B 43 -4.41 29.34 -6.08
CA THR B 43 -4.38 29.51 -4.65
C THR B 43 -3.51 28.49 -3.91
N HIS B 44 -2.26 28.38 -4.32
CA HIS B 44 -1.33 27.44 -3.66
C HIS B 44 0.12 27.90 -3.75
N PRO B 45 0.79 27.98 -2.59
CA PRO B 45 2.15 28.52 -2.46
C PRO B 45 3.20 27.79 -3.29
N GLY B 46 3.00 26.49 -3.53
CA GLY B 46 3.97 25.70 -4.25
C GLY B 46 3.71 25.67 -5.75
N LEU B 47 2.61 26.30 -6.17
CA LEU B 47 2.20 26.25 -7.56
C LEU B 47 2.07 27.65 -8.16
N THR B 48 2.40 28.67 -7.38
CA THR B 48 2.24 30.06 -7.80
C THR B 48 3.09 30.42 -9.02
N PHE B 49 4.24 29.80 -9.15
CA PHE B 49 5.17 30.09 -10.26
C PHE B 49 4.67 29.63 -11.63
N LEU B 50 3.52 28.97 -11.66
CA LEU B 50 2.98 28.43 -12.91
C LEU B 50 2.12 29.43 -13.68
N LYS B 51 1.74 30.52 -13.02
CA LYS B 51 0.90 31.53 -13.66
C LYS B 51 1.62 32.21 -14.82
N ASP B 52 2.94 32.36 -14.68
CA ASP B 52 3.75 33.08 -15.66
C ASP B 52 4.33 32.17 -16.74
N ALA B 53 4.18 30.86 -16.55
CA ALA B 53 4.68 29.86 -17.50
C ALA B 53 3.57 28.97 -18.05
N PRO B 54 2.86 29.45 -19.09
CA PRO B 54 1.70 28.77 -19.67
C PRO B 54 2.04 27.48 -20.42
N GLU B 55 3.24 26.95 -20.24
CA GLU B 55 3.65 25.74 -20.94
C GLU B 55 3.85 24.63 -19.94
N PHE B 56 4.00 25.02 -18.67
CA PHE B 56 4.15 24.06 -17.59
C PHE B 56 2.81 24.04 -16.87
N HIS B 57 2.14 25.19 -16.88
CA HIS B 57 0.77 25.35 -16.38
C HIS B 57 -0.19 24.30 -16.89
N SER B 58 -0.43 24.32 -18.19
CA SER B 58 -1.43 23.44 -18.82
C SER B 58 -1.09 21.97 -18.65
N ARG B 59 0.15 21.62 -19.00
CA ARG B 59 0.60 20.24 -18.94
C ARG B 59 0.50 19.65 -17.52
N TYR B 60 0.76 20.49 -16.52
CA TYR B 60 0.61 20.09 -15.13
C TYR B 60 -0.83 19.71 -14.83
N ILE B 61 -1.75 20.57 -15.24
CA ILE B 61 -3.18 20.30 -15.08
C ILE B 61 -3.59 19.04 -15.83
N THR B 62 -3.06 18.89 -17.04
CA THR B 62 -3.33 17.68 -17.81
C THR B 62 -2.79 16.44 -17.11
N THR B 63 -1.56 16.53 -16.58
CA THR B 63 -0.92 15.41 -15.90
C THR B 63 -1.68 14.97 -14.65
N VAL B 64 -2.07 15.94 -13.83
CA VAL B 64 -2.82 15.63 -12.62
C VAL B 64 -4.16 15.01 -12.96
N ILE B 65 -4.85 15.57 -13.95
CA ILE B 65 -6.12 15.02 -14.40
C ILE B 65 -5.94 13.58 -14.88
N GLN B 66 -4.82 13.32 -15.56
CA GLN B 66 -4.52 11.97 -16.00
C GLN B 66 -4.32 11.03 -14.80
N ARG B 67 -3.50 11.44 -13.84
CA ARG B 67 -3.28 10.64 -12.64
C ARG B 67 -4.57 10.42 -11.86
N ILE B 68 -5.39 11.46 -11.78
CA ILE B 68 -6.70 11.37 -11.13
C ILE B 68 -7.55 10.29 -11.81
N PHE B 69 -7.72 10.40 -13.12
CA PHE B 69 -8.48 9.41 -13.87
C PHE B 69 -7.79 8.04 -13.85
N TYR B 70 -6.47 8.05 -13.84
CA TYR B 70 -5.69 6.82 -13.77
C TYR B 70 -6.02 6.01 -12.53
N THR B 71 -6.12 6.68 -11.38
CA THR B 71 -6.32 5.99 -10.12
C THR B 71 -7.79 5.94 -9.67
N VAL B 72 -8.59 6.92 -10.09
CA VAL B 72 -9.98 7.00 -9.63
C VAL B 72 -10.96 6.36 -10.60
N ASN B 73 -10.83 6.69 -11.88
CA ASN B 73 -11.70 6.14 -12.92
C ASN B 73 -11.28 4.72 -13.27
N ARG B 74 -11.68 3.78 -12.41
CA ARG B 74 -11.16 2.42 -12.43
C ARG B 74 -11.90 1.57 -13.46
N SER B 75 -13.02 2.09 -13.95
CA SER B 75 -13.84 1.41 -14.93
C SER B 75 -13.42 1.77 -16.35
N TRP B 76 -12.42 2.64 -16.48
CA TRP B 76 -11.94 3.11 -17.77
C TRP B 76 -13.03 3.75 -18.64
N SER B 77 -14.14 4.14 -18.03
CA SER B 77 -15.28 4.66 -18.77
C SER B 77 -15.05 6.09 -19.26
N GLY B 78 -14.12 6.80 -18.62
CA GLY B 78 -13.86 8.18 -18.94
C GLY B 78 -14.82 9.10 -18.23
N LYS B 79 -15.77 8.50 -17.52
CA LYS B 79 -16.72 9.25 -16.70
C LYS B 79 -16.62 8.83 -15.25
N ILE B 80 -16.25 9.77 -14.39
CA ILE B 80 -16.07 9.52 -12.97
C ILE B 80 -17.38 9.63 -12.20
N THR B 81 -17.74 8.57 -11.48
CA THR B 81 -18.95 8.58 -10.66
C THR B 81 -18.62 8.85 -9.20
N SER B 82 -19.65 9.11 -8.40
CA SER B 82 -19.47 9.34 -6.97
C SER B 82 -18.96 8.07 -6.29
N THR B 83 -19.29 6.93 -6.88
CA THR B 83 -18.83 5.64 -6.37
C THR B 83 -17.32 5.49 -6.52
N GLU B 84 -16.80 5.88 -7.69
CA GLU B 84 -15.36 5.80 -7.91
C GLU B 84 -14.60 6.73 -6.98
N ILE B 85 -15.13 7.93 -6.79
CA ILE B 85 -14.54 8.89 -5.87
C ILE B 85 -14.52 8.29 -4.46
N ARG B 86 -15.63 7.68 -4.07
CA ARG B 86 -15.76 7.01 -2.77
C ARG B 86 -14.70 5.94 -2.54
N LYS B 87 -14.43 5.16 -3.58
CA LYS B 87 -13.49 4.04 -3.50
C LYS B 87 -12.05 4.48 -3.69
N SER B 88 -11.82 5.79 -3.72
CA SER B 88 -10.48 6.33 -3.91
C SER B 88 -10.08 7.22 -2.74
N ASN B 89 -8.79 7.54 -2.66
CA ASN B 89 -8.30 8.44 -1.62
C ASN B 89 -8.18 9.88 -2.11
N PHE B 90 -8.93 10.20 -3.17
CA PHE B 90 -8.81 11.51 -3.80
C PHE B 90 -9.21 12.66 -2.89
N LEU B 91 -10.36 12.54 -2.23
CA LEU B 91 -10.79 13.58 -1.31
C LEU B 91 -9.90 13.59 -0.07
N GLN B 92 -9.48 12.41 0.36
CA GLN B 92 -8.49 12.29 1.43
C GLN B 92 -7.26 13.13 1.07
N THR B 93 -6.91 13.13 -0.22
CA THR B 93 -5.76 13.91 -0.71
C THR B 93 -6.03 15.42 -0.80
N LEU B 94 -7.22 15.80 -1.27
CA LEU B 94 -7.62 17.21 -1.34
C LEU B 94 -7.58 17.90 0.02
N ALA B 95 -7.81 17.13 1.07
CA ALA B 95 -7.74 17.65 2.42
C ALA B 95 -6.32 18.16 2.72
N LEU B 96 -5.33 17.36 2.34
CA LEU B 96 -3.93 17.69 2.59
C LEU B 96 -3.45 18.86 1.74
N LEU B 97 -4.17 19.16 0.67
CA LEU B 97 -3.72 20.17 -0.30
C LEU B 97 -3.75 21.59 0.26
N GLU B 98 -4.71 21.88 1.14
CA GLU B 98 -4.82 23.22 1.71
C GLU B 98 -4.03 23.40 3.00
N GLU B 99 -3.51 22.30 3.55
CA GLU B 99 -2.75 22.39 4.80
C GLU B 99 -1.25 22.18 4.61
N GLU B 100 -0.84 21.74 3.44
CA GLU B 100 0.57 21.44 3.18
C GLU B 100 1.08 22.39 2.10
N GLU B 101 2.07 23.22 2.44
CA GLU B 101 2.56 24.23 1.53
C GLU B 101 3.53 23.69 0.48
N ASP B 102 4.20 22.59 0.80
CA ASP B 102 5.12 21.98 -0.14
C ASP B 102 4.38 21.00 -1.04
N ILE B 103 4.15 21.42 -2.28
CA ILE B 103 3.35 20.66 -3.24
C ILE B 103 3.94 19.27 -3.54
N ASN B 104 5.24 19.11 -3.34
CA ASN B 104 5.91 17.85 -3.65
C ASN B 104 5.65 16.79 -2.59
N GLN B 105 5.12 17.21 -1.44
CA GLN B 105 4.85 16.31 -0.34
C GLN B 105 3.54 15.53 -0.56
N ILE B 106 2.78 15.97 -1.56
CA ILE B 106 1.58 15.25 -1.99
C ILE B 106 1.96 14.25 -3.09
N THR B 107 2.40 13.07 -2.68
CA THR B 107 2.90 12.07 -3.63
C THR B 107 1.80 11.54 -4.57
N ASP B 108 0.55 11.64 -4.12
CA ASP B 108 -0.58 11.19 -4.93
C ASP B 108 -1.23 12.33 -5.72
N TYR B 109 -1.33 12.14 -7.03
CA TYR B 109 -1.95 13.08 -7.97
C TYR B 109 -1.17 14.39 -8.20
N PHE B 110 -0.86 15.11 -7.11
CA PHE B 110 -0.49 16.53 -7.20
C PHE B 110 1.00 16.90 -7.25
N SER B 111 1.88 15.98 -6.82
CA SER B 111 3.32 16.23 -6.77
C SER B 111 3.86 16.84 -8.07
N TYR B 112 4.59 17.94 -7.94
CA TYR B 112 5.14 18.64 -9.11
C TYR B 112 6.39 17.93 -9.65
N GLU B 113 7.14 17.28 -8.76
CA GLU B 113 8.33 16.52 -9.16
C GLU B 113 7.94 15.45 -10.17
N HIS B 114 6.84 14.80 -9.86
CA HIS B 114 6.26 13.74 -10.67
C HIS B 114 5.92 14.26 -12.07
N PHE B 115 5.19 15.37 -12.11
CA PHE B 115 4.83 15.99 -13.37
C PHE B 115 6.09 16.41 -14.13
N TYR B 116 7.04 17.02 -13.43
CA TYR B 116 8.26 17.51 -14.03
C TYR B 116 9.08 16.39 -14.67
N VAL B 117 9.26 15.29 -13.94
CA VAL B 117 10.00 14.13 -14.45
C VAL B 117 9.41 13.59 -15.75
N ILE B 118 8.08 13.43 -15.77
CA ILE B 118 7.36 12.98 -16.95
C ILE B 118 7.50 13.97 -18.10
N TYR B 119 7.28 15.24 -17.79
CA TYR B 119 7.31 16.33 -18.77
C TYR B 119 8.67 16.45 -19.47
N CYS B 120 9.75 16.18 -18.73
CA CYS B 120 11.09 16.21 -19.29
C CYS B 120 11.29 15.08 -20.30
N LYS B 121 10.76 13.90 -19.99
CA LYS B 121 10.90 12.75 -20.88
C LYS B 121 9.99 12.83 -22.09
N PHE B 122 8.87 13.54 -21.95
CA PHE B 122 7.98 13.74 -23.10
C PHE B 122 8.70 14.53 -24.20
N TRP B 123 9.45 15.57 -23.83
CA TRP B 123 10.23 16.28 -24.84
C TRP B 123 11.34 15.42 -25.41
N GLU B 124 12.05 14.72 -24.53
CA GLU B 124 13.21 13.91 -24.89
C GLU B 124 12.95 13.10 -26.16
N LEU B 125 11.77 12.50 -26.23
CA LEU B 125 11.41 11.70 -27.37
C LEU B 125 10.89 12.59 -28.49
N ASP B 126 10.13 13.60 -28.10
CA ASP B 126 9.49 14.49 -29.06
C ASP B 126 10.49 15.45 -29.71
N THR B 127 11.34 14.92 -30.59
CA THR B 127 12.39 15.71 -31.19
C THR B 127 11.86 16.77 -32.16
N ASP B 128 10.78 16.45 -32.86
CA ASP B 128 10.19 17.36 -33.84
C ASP B 128 9.15 18.35 -33.29
N HIS B 129 8.98 18.37 -31.97
CA HIS B 129 8.06 19.30 -31.30
C HIS B 129 6.64 19.21 -31.84
N ASP B 130 6.21 18.00 -32.18
CA ASP B 130 4.90 17.78 -32.77
C ASP B 130 3.80 17.63 -31.71
N LEU B 131 4.20 17.73 -30.44
CA LEU B 131 3.32 17.52 -29.29
C LEU B 131 2.80 16.08 -29.27
N TYR B 132 3.39 15.24 -30.12
CA TYR B 132 3.04 13.83 -30.20
C TYR B 132 4.28 12.96 -30.26
N ILE B 133 4.14 11.75 -29.72
CA ILE B 133 5.15 10.70 -29.74
C ILE B 133 4.76 9.64 -30.76
N SER B 134 5.64 9.34 -31.71
CA SER B 134 5.35 8.29 -32.68
C SER B 134 5.88 6.97 -32.14
N GLN B 135 5.61 5.88 -32.87
CA GLN B 135 6.07 4.56 -32.46
C GLN B 135 7.59 4.48 -32.48
N ALA B 136 8.21 5.21 -33.40
CA ALA B 136 9.66 5.21 -33.53
C ALA B 136 10.33 6.00 -32.40
N ASP B 137 9.71 7.12 -32.03
CA ASP B 137 10.16 7.91 -30.91
C ASP B 137 10.11 7.05 -29.66
N LEU B 138 9.06 6.24 -29.54
CA LEU B 138 8.91 5.37 -28.38
C LEU B 138 9.84 4.16 -28.38
N SER B 139 10.18 3.63 -29.56
CA SER B 139 11.06 2.46 -29.65
C SER B 139 12.47 2.75 -29.16
N ARG B 140 12.85 4.02 -29.22
CA ARG B 140 14.19 4.45 -28.81
C ARG B 140 14.27 4.60 -27.29
N TYR B 141 13.11 4.58 -26.65
CA TYR B 141 13.05 4.74 -25.19
C TYR B 141 13.46 3.46 -24.47
N ASN B 142 14.32 3.63 -23.46
CA ASN B 142 14.87 2.52 -22.68
C ASN B 142 15.70 1.54 -23.52
N ASP B 143 16.10 1.99 -24.70
CA ASP B 143 16.90 1.19 -25.64
C ASP B 143 16.33 -0.22 -25.85
N GLN B 144 15.07 -0.27 -26.27
CA GLN B 144 14.36 -1.51 -26.55
C GLN B 144 14.18 -2.46 -25.36
N ALA B 145 14.04 -1.89 -24.16
CA ALA B 145 13.72 -2.67 -22.97
C ALA B 145 12.44 -3.46 -23.21
N SER B 146 11.38 -2.73 -23.57
CA SER B 146 10.08 -3.32 -23.86
C SER B 146 10.00 -3.77 -25.31
N SER B 147 9.28 -4.85 -25.57
CA SER B 147 9.17 -5.41 -26.91
C SER B 147 8.42 -4.47 -27.85
N SER B 148 8.80 -4.47 -29.12
CA SER B 148 8.12 -3.64 -30.11
C SER B 148 6.70 -4.16 -30.37
N ARG B 149 6.46 -5.42 -29.99
CA ARG B 149 5.13 -5.99 -30.12
C ARG B 149 4.14 -5.43 -29.11
N ILE B 150 4.63 -5.15 -27.90
CA ILE B 150 3.78 -4.53 -26.89
C ILE B 150 3.57 -3.04 -27.18
N ILE B 151 4.60 -2.38 -27.72
CA ILE B 151 4.51 -0.96 -28.09
C ILE B 151 3.48 -0.76 -29.19
N GLU B 152 3.51 -1.64 -30.19
CA GLU B 152 2.54 -1.62 -31.27
C GLU B 152 1.11 -1.75 -30.75
N ARG B 153 0.94 -2.58 -29.73
CA ARG B 153 -0.36 -2.79 -29.10
C ARG B 153 -0.90 -1.51 -28.50
N ILE B 154 -0.02 -0.73 -27.91
CA ILE B 154 -0.39 0.55 -27.31
C ILE B 154 -0.94 1.50 -28.38
N PHE B 155 -0.24 1.59 -29.51
CA PHE B 155 -0.66 2.45 -30.60
C PHE B 155 -1.83 1.91 -31.41
N SER B 156 -2.36 0.75 -31.01
CA SER B 156 -3.48 0.19 -31.73
C SER B 156 -4.77 0.78 -31.16
N GLY B 157 -4.64 1.46 -30.03
CA GLY B 157 -5.80 2.07 -29.38
C GLY B 157 -6.34 1.16 -28.30
N ALA B 158 -5.49 0.24 -27.86
CA ALA B 158 -5.87 -0.71 -26.82
C ALA B 158 -5.97 -0.04 -25.46
N VAL B 159 -5.20 1.03 -25.28
CA VAL B 159 -5.15 1.70 -23.99
C VAL B 159 -5.31 3.22 -24.11
N THR B 160 -6.23 3.65 -24.96
CA THR B 160 -6.51 5.08 -25.12
C THR B 160 -7.98 5.39 -24.82
N LYS B 167 -6.25 5.18 -36.78
CA LYS B 167 -5.24 5.60 -35.81
C LYS B 167 -4.16 6.44 -36.48
N GLU B 168 -3.78 7.55 -35.84
CA GLU B 168 -2.76 8.44 -36.36
C GLU B 168 -1.39 7.78 -36.31
N GLY B 169 -1.21 6.90 -35.34
CA GLY B 169 0.08 6.27 -35.10
C GLY B 169 0.91 7.18 -34.23
N ARG B 170 0.28 8.22 -33.71
CA ARG B 170 0.94 9.18 -32.84
C ARG B 170 0.22 9.29 -31.49
N MET B 171 1.01 9.20 -30.43
CA MET B 171 0.51 9.22 -29.06
C MET B 171 0.57 10.61 -28.43
N SER B 172 -0.58 11.11 -27.98
CA SER B 172 -0.66 12.42 -27.33
C SER B 172 0.07 12.45 -25.98
N TYR B 173 0.14 13.63 -25.38
CA TYR B 173 0.81 13.79 -24.09
C TYR B 173 0.05 13.08 -22.96
N ALA B 174 -1.28 13.12 -23.04
CA ALA B 174 -2.12 12.47 -22.05
C ALA B 174 -1.89 10.97 -22.03
N ASP B 175 -1.89 10.36 -23.22
CA ASP B 175 -1.66 8.92 -23.34
C ASP B 175 -0.26 8.53 -22.91
N PHE B 176 0.67 9.47 -22.99
CA PHE B 176 2.04 9.22 -22.55
C PHE B 176 2.14 9.14 -21.02
N VAL B 177 1.32 9.94 -20.35
CA VAL B 177 1.28 9.94 -18.89
C VAL B 177 0.88 8.56 -18.37
N TRP B 178 -0.15 8.00 -18.97
CA TRP B 178 -0.64 6.66 -18.64
C TRP B 178 0.43 5.60 -18.89
N PHE B 179 1.15 5.72 -19.98
CA PHE B 179 2.17 4.75 -20.34
C PHE B 179 3.35 4.74 -19.38
N LEU B 180 3.84 5.94 -19.06
CA LEU B 180 5.02 6.07 -18.20
C LEU B 180 4.70 5.49 -16.84
N ILE B 181 3.56 5.89 -16.29
CA ILE B 181 3.14 5.43 -14.98
C ILE B 181 2.96 3.92 -14.93
N SER B 182 2.31 3.36 -15.94
CA SER B 182 2.03 1.93 -16.00
C SER B 182 3.30 1.08 -16.11
N GLU B 183 4.28 1.60 -16.85
CA GLU B 183 5.55 0.91 -17.02
C GLU B 183 6.31 0.83 -15.70
N GLU B 184 6.23 1.88 -14.90
CA GLU B 184 7.01 1.98 -13.67
C GLU B 184 6.53 1.04 -12.56
N ASP B 185 5.22 0.99 -12.32
CA ASP B 185 4.69 0.13 -11.28
C ASP B 185 3.63 -0.83 -11.83
N LYS B 186 3.96 -2.11 -11.94
CA LYS B 186 3.02 -3.10 -12.43
C LYS B 186 2.34 -3.85 -11.28
N ARG B 187 2.20 -3.19 -10.14
CA ARG B 187 1.55 -3.83 -9.00
C ARG B 187 0.13 -3.31 -8.77
N ASN B 188 -0.10 -2.05 -9.14
CA ASN B 188 -1.41 -1.44 -8.97
C ASN B 188 -2.42 -1.95 -10.01
N PRO B 189 -3.70 -1.99 -9.64
CA PRO B 189 -4.73 -2.60 -10.49
C PRO B 189 -4.88 -1.95 -11.86
N THR B 190 -4.65 -0.65 -11.94
CA THR B 190 -4.78 0.06 -13.20
C THR B 190 -3.69 -0.39 -14.17
N SER B 191 -2.48 -0.57 -13.65
CA SER B 191 -1.37 -1.02 -14.48
C SER B 191 -1.60 -2.45 -14.97
N ILE B 192 -2.06 -3.32 -14.08
CA ILE B 192 -2.35 -4.70 -14.41
C ILE B 192 -3.37 -4.75 -15.54
N GLU B 193 -4.27 -3.77 -15.52
CA GLU B 193 -5.33 -3.70 -16.52
C GLU B 193 -4.86 -3.01 -17.79
N TYR B 194 -3.87 -2.12 -17.64
CA TYR B 194 -3.19 -1.51 -18.78
C TYR B 194 -2.53 -2.55 -19.69
N TRP B 195 -1.70 -3.40 -19.11
CA TRP B 195 -0.92 -4.36 -19.88
C TRP B 195 -1.75 -5.54 -20.38
N PHE B 196 -2.78 -5.89 -19.63
CA PHE B 196 -3.67 -6.96 -20.04
C PHE B 196 -4.37 -6.56 -21.33
N ARG B 197 -4.86 -5.33 -21.39
CA ARG B 197 -5.50 -4.80 -22.57
C ARG B 197 -4.57 -4.87 -23.77
N CYS B 198 -3.28 -4.70 -23.51
CA CYS B 198 -2.27 -4.78 -24.57
C CYS B 198 -2.07 -6.23 -25.02
N MET B 199 -2.02 -7.15 -24.07
CA MET B 199 -1.77 -8.55 -24.38
C MET B 199 -2.99 -9.25 -24.97
N ASP B 200 -4.17 -8.86 -24.51
CA ASP B 200 -5.41 -9.45 -24.98
C ASP B 200 -5.81 -8.84 -26.31
N VAL B 201 -5.18 -9.33 -27.37
CA VAL B 201 -5.38 -8.76 -28.71
C VAL B 201 -6.82 -8.91 -29.22
N ASP B 202 -7.39 -10.11 -29.09
CA ASP B 202 -8.75 -10.34 -29.58
C ASP B 202 -9.83 -9.67 -28.73
N GLY B 203 -9.49 -9.31 -27.50
CA GLY B 203 -10.41 -8.62 -26.61
C GLY B 203 -11.42 -9.49 -25.87
N ASP B 204 -11.15 -10.79 -25.81
CA ASP B 204 -12.08 -11.72 -25.18
C ASP B 204 -12.06 -11.68 -23.65
N GLY B 205 -11.12 -10.95 -23.07
CA GLY B 205 -11.00 -10.88 -21.63
C GLY B 205 -10.14 -11.99 -21.06
N VAL B 206 -9.58 -12.80 -21.95
CA VAL B 206 -8.72 -13.91 -21.55
C VAL B 206 -7.44 -13.91 -22.41
N LEU B 207 -6.32 -14.30 -21.80
CA LEU B 207 -5.05 -14.39 -22.53
C LEU B 207 -4.84 -15.80 -23.08
N SER B 208 -5.14 -15.98 -24.35
CA SER B 208 -5.03 -17.28 -24.99
C SER B 208 -3.59 -17.73 -25.11
N MET B 209 -3.39 -19.02 -25.36
CA MET B 209 -2.07 -19.58 -25.58
C MET B 209 -1.40 -18.93 -26.78
N TYR B 210 -2.17 -18.75 -27.86
CA TYR B 210 -1.66 -18.15 -29.08
C TYR B 210 -1.14 -16.74 -28.82
N GLU B 211 -1.92 -15.95 -28.08
CA GLU B 211 -1.52 -14.60 -27.69
C GLU B 211 -0.23 -14.59 -26.89
N LEU B 212 -0.18 -15.41 -25.84
CA LEU B 212 1.01 -15.50 -25.00
C LEU B 212 2.24 -15.90 -25.82
N GLU B 213 2.06 -16.84 -26.74
CA GLU B 213 3.16 -17.31 -27.59
C GLU B 213 3.63 -16.19 -28.51
N TYR B 214 2.70 -15.34 -28.93
CA TYR B 214 3.01 -14.24 -29.84
C TYR B 214 3.94 -13.22 -29.20
N PHE B 215 3.72 -12.93 -27.93
CA PHE B 215 4.56 -11.99 -27.19
C PHE B 215 5.85 -12.66 -26.74
N TYR B 216 5.74 -13.93 -26.39
CA TYR B 216 6.89 -14.69 -25.93
C TYR B 216 7.89 -14.96 -27.04
N GLU B 217 7.40 -14.96 -28.28
CA GLU B 217 8.28 -15.20 -29.43
C GLU B 217 9.36 -14.15 -29.56
N GLU B 218 8.99 -12.87 -29.40
CA GLU B 218 9.96 -11.78 -29.48
C GLU B 218 10.95 -11.83 -28.32
N GLN B 219 10.50 -12.28 -27.17
CA GLN B 219 11.38 -12.43 -26.02
C GLN B 219 12.42 -13.51 -26.27
N CYS B 220 12.05 -14.51 -27.07
CA CYS B 220 12.98 -15.55 -27.47
C CYS B 220 13.99 -15.00 -28.47
N GLU B 221 13.51 -14.16 -29.38
CA GLU B 221 14.37 -13.51 -30.37
C GLU B 221 15.42 -12.65 -29.68
N ARG B 222 15.04 -12.05 -28.56
CA ARG B 222 15.93 -11.17 -27.82
C ARG B 222 16.85 -11.93 -26.88
N MET B 223 16.38 -13.07 -26.36
CA MET B 223 17.22 -13.93 -25.54
C MET B 223 18.22 -14.70 -26.40
N GLU B 224 17.77 -15.21 -27.53
CA GLU B 224 18.65 -15.94 -28.45
C GLU B 224 19.73 -15.02 -29.03
N ALA B 225 19.44 -13.73 -29.10
CA ALA B 225 20.39 -12.76 -29.61
C ALA B 225 21.45 -12.41 -28.56
N MET B 226 21.21 -12.80 -27.32
CA MET B 226 22.17 -12.57 -26.24
C MET B 226 22.93 -13.85 -25.88
N GLY B 227 22.74 -14.89 -26.68
CA GLY B 227 23.39 -16.16 -26.44
C GLY B 227 22.77 -16.91 -25.28
N ILE B 228 21.57 -16.50 -24.89
CA ILE B 228 20.85 -17.11 -23.78
C ILE B 228 19.78 -18.05 -24.30
N GLU B 229 19.73 -19.26 -23.74
CA GLU B 229 18.74 -20.25 -24.15
C GLU B 229 17.41 -20.04 -23.45
N PRO B 230 16.37 -19.66 -24.22
CA PRO B 230 15.05 -19.45 -23.62
C PRO B 230 14.33 -20.77 -23.36
N LEU B 231 13.47 -20.78 -22.34
CA LEU B 231 12.65 -21.94 -22.02
C LEU B 231 11.55 -22.09 -23.06
N PRO B 232 11.27 -23.33 -23.51
CA PRO B 232 10.20 -23.54 -24.48
C PRO B 232 8.83 -23.09 -23.94
N PHE B 233 7.98 -22.59 -24.84
CA PHE B 233 6.69 -22.03 -24.46
C PHE B 233 5.82 -22.98 -23.66
N HIS B 234 5.82 -24.26 -24.04
CA HIS B 234 5.03 -25.27 -23.36
C HIS B 234 5.33 -25.31 -21.87
N ASP B 235 6.61 -25.35 -21.53
CA ASP B 235 7.03 -25.43 -20.14
C ASP B 235 6.84 -24.12 -19.39
N LEU B 236 7.03 -23.01 -20.11
CA LEU B 236 6.82 -21.69 -19.52
C LEU B 236 5.35 -21.52 -19.16
N LEU B 237 4.47 -21.94 -20.06
CA LEU B 237 3.03 -21.87 -19.85
C LEU B 237 2.62 -22.63 -18.57
N CYS B 238 3.36 -23.69 -18.25
CA CYS B 238 3.11 -24.45 -17.03
C CYS B 238 3.54 -23.69 -15.77
N GLN B 239 4.67 -23.00 -15.86
CA GLN B 239 5.17 -22.22 -14.74
C GLN B 239 4.27 -21.00 -14.48
N MET B 240 3.81 -20.39 -15.56
CA MET B 240 3.00 -19.18 -15.48
C MET B 240 1.58 -19.48 -14.98
N LEU B 241 1.04 -20.62 -15.41
CA LEU B 241 -0.29 -21.05 -14.98
C LEU B 241 -0.28 -21.39 -13.49
N ASP B 242 0.83 -21.94 -13.00
CA ASP B 242 0.97 -22.24 -11.58
C ASP B 242 1.20 -20.96 -10.77
N LEU B 243 1.72 -19.93 -11.45
CA LEU B 243 1.98 -18.66 -10.79
C LEU B 243 0.67 -17.89 -10.61
N VAL B 244 -0.20 -17.97 -11.62
CA VAL B 244 -1.47 -17.26 -11.58
C VAL B 244 -2.54 -18.10 -10.88
N LYS B 245 -2.57 -19.40 -11.19
CA LYS B 245 -3.62 -20.29 -10.69
C LYS B 245 -5.01 -19.70 -10.93
N PRO B 246 -5.45 -19.63 -12.19
CA PRO B 246 -6.74 -18.99 -12.48
C PRO B 246 -7.94 -19.76 -11.93
N ALA B 247 -9.14 -19.24 -12.20
CA ALA B 247 -10.37 -19.88 -11.73
C ALA B 247 -10.69 -21.07 -12.61
N VAL B 248 -11.06 -20.81 -13.86
CA VAL B 248 -11.20 -21.88 -14.84
C VAL B 248 -9.79 -22.34 -15.18
N ASP B 249 -9.62 -23.65 -15.31
CA ASP B 249 -8.30 -24.28 -15.45
C ASP B 249 -7.39 -23.65 -16.51
N GLY B 250 -7.84 -23.67 -17.76
CA GLY B 250 -7.03 -23.17 -18.87
C GLY B 250 -7.27 -21.73 -19.24
N LYS B 251 -7.99 -21.00 -18.38
CA LYS B 251 -8.47 -19.66 -18.73
C LYS B 251 -7.89 -18.55 -17.86
N ILE B 252 -6.90 -17.83 -18.38
CA ILE B 252 -6.31 -16.71 -17.64
C ILE B 252 -7.00 -15.39 -17.97
N THR B 253 -7.64 -14.81 -16.95
CA THR B 253 -8.39 -13.59 -17.13
C THR B 253 -7.72 -12.44 -16.37
N LEU B 254 -8.19 -11.22 -16.63
CA LEU B 254 -7.68 -10.06 -15.93
C LEU B 254 -7.98 -10.20 -14.45
N ARG B 255 -9.15 -10.76 -14.14
CA ARG B 255 -9.57 -10.93 -12.76
C ARG B 255 -8.61 -11.85 -12.02
N ASP B 256 -8.03 -12.81 -12.73
CA ASP B 256 -7.09 -13.74 -12.14
C ASP B 256 -5.72 -13.11 -11.86
N LEU B 257 -5.34 -12.13 -12.67
CA LEU B 257 -4.05 -11.47 -12.51
C LEU B 257 -4.05 -10.49 -11.34
N LYS B 258 -5.20 -9.87 -11.11
CA LYS B 258 -5.37 -8.94 -9.99
C LYS B 258 -5.28 -9.65 -8.63
N ARG B 259 -5.89 -10.83 -8.54
CA ARG B 259 -5.90 -11.60 -7.29
C ARG B 259 -4.51 -12.12 -6.95
N CYS B 260 -3.90 -12.85 -7.89
CA CYS B 260 -2.67 -13.58 -7.61
C CYS B 260 -1.53 -12.72 -7.09
N ARG B 261 -1.66 -11.41 -7.22
CA ARG B 261 -0.68 -10.47 -6.67
C ARG B 261 0.73 -10.69 -7.22
N MET B 262 0.81 -11.29 -8.40
CA MET B 262 2.07 -11.60 -9.03
C MET B 262 2.06 -11.23 -10.51
N ALA B 263 1.12 -10.37 -10.89
CA ALA B 263 0.95 -9.97 -12.29
C ALA B 263 2.18 -9.27 -12.84
N HIS B 264 2.90 -8.57 -11.97
CA HIS B 264 4.10 -7.83 -12.35
C HIS B 264 5.18 -8.78 -12.88
N ILE B 265 5.29 -9.94 -12.25
CA ILE B 265 6.24 -10.96 -12.67
C ILE B 265 5.81 -11.60 -14.00
N PHE B 266 4.54 -11.96 -14.07
CA PHE B 266 3.92 -12.49 -15.28
C PHE B 266 4.19 -11.56 -16.45
N TYR B 267 3.91 -10.28 -16.26
CA TYR B 267 4.07 -9.28 -17.30
C TYR B 267 5.52 -9.10 -17.77
N ASP B 268 6.45 -9.17 -16.83
CA ASP B 268 7.87 -8.99 -17.15
C ASP B 268 8.38 -10.15 -18.01
N THR B 269 7.81 -11.33 -17.77
CA THR B 269 8.16 -12.53 -18.52
C THR B 269 7.86 -12.38 -20.01
N PHE B 270 6.74 -11.72 -20.31
CA PHE B 270 6.25 -11.67 -21.68
C PHE B 270 6.65 -10.44 -22.51
N PHE B 271 6.87 -9.30 -21.87
CA PHE B 271 7.24 -8.12 -22.64
C PHE B 271 8.27 -7.18 -22.01
N ASN B 272 8.93 -7.61 -20.94
CA ASN B 272 9.99 -6.82 -20.36
C ASN B 272 11.32 -7.58 -20.29
N LEU B 273 12.15 -7.38 -21.30
CA LEU B 273 13.42 -8.09 -21.44
C LEU B 273 14.37 -7.78 -20.28
N GLU B 274 14.38 -6.51 -19.87
CA GLU B 274 15.27 -6.06 -18.81
C GLU B 274 14.90 -6.61 -17.42
N LYS B 275 13.65 -6.37 -17.01
CA LYS B 275 13.22 -6.71 -15.65
C LYS B 275 13.04 -8.21 -15.39
N TYR B 276 13.04 -9.01 -16.44
CA TYR B 276 12.91 -10.47 -16.29
C TYR B 276 14.24 -11.16 -15.99
N LEU B 277 15.28 -10.75 -16.71
CA LEU B 277 16.62 -11.35 -16.56
C LEU B 277 17.18 -11.18 -15.15
N ASP B 278 16.76 -10.12 -14.46
CA ASP B 278 17.20 -9.86 -13.10
C ASP B 278 16.40 -10.67 -12.08
N HIS B 279 16.22 -11.95 -12.34
CA HIS B 279 15.45 -12.83 -11.46
C HIS B 279 15.88 -14.28 -11.62
#